data_2Q9A
#
_entry.id   2Q9A
#
_cell.length_a   63.627
_cell.length_b   96.683
_cell.length_c   99.560
_cell.angle_alpha   90.00
_cell.angle_beta   90.00
_cell.angle_gamma   90.00
#
_symmetry.space_group_name_H-M   'P 21 21 21'
#
loop_
_entity.id
_entity.type
_entity.pdbx_description
1 polymer 'Cell division protein ftsY'
2 non-polymer 'SULFATE ION'
3 non-polymer 1,2-ETHANEDIOL
4 water water
#
_entity_poly.entity_id   1
_entity_poly.type   'polypeptide(L)'
_entity_poly.pdbx_seq_one_letter_code
;MGFFDRLKAGLAKTRERLLKAIPWGGNLEEVLEELEMALLAADVGLSATEEILQEVRASGRKDLKEAVKEKLVGMLEPDE
RRATLRKLGFNPQKPKPVEPKGRVVLVVGVNGVGKTTTIAKLGRYYQNLGKKVMFCAGDTFRAAGGTQLSEWGKRLSIPV
IQGPEGTDPAALAYDAVQAMKARGYDLLFVDTAGRLHTKHNLMEELKKVKRAIAKADPEEPKEVWLVLDAVTGQNGLEQA
KKFHEAVGLTGVIVTKLDGTAKGGVLIPIVRTLKVPIKFVGVGEGPDDLQPFDPEAFVEALLED
;
_entity_poly.pdbx_strand_id   A,B
#
loop_
_chem_comp.id
_chem_comp.type
_chem_comp.name
_chem_comp.formula
EDO non-polymer 1,2-ETHANEDIOL 'C2 H6 O2'
SO4 non-polymer 'SULFATE ION' 'O4 S -2'
#
# COMPACT_ATOMS: atom_id res chain seq x y z
N MET A 1 -9.88 -28.88 -14.78
CA MET A 1 -9.21 -27.56 -14.59
C MET A 1 -8.69 -27.38 -13.18
N GLY A 2 -9.13 -28.23 -12.26
CA GLY A 2 -8.74 -28.17 -10.87
C GLY A 2 -8.99 -26.78 -10.33
N PHE A 3 -10.16 -26.22 -10.66
CA PHE A 3 -10.55 -24.89 -10.22
C PHE A 3 -10.32 -24.69 -8.73
N PHE A 4 -10.82 -25.61 -7.94
CA PHE A 4 -10.72 -25.50 -6.50
C PHE A 4 -9.29 -25.65 -5.99
N ASP A 5 -8.53 -26.53 -6.59
CA ASP A 5 -7.16 -26.78 -6.17
C ASP A 5 -6.28 -25.60 -6.57
N ARG A 6 -6.61 -24.97 -7.69
CA ARG A 6 -5.86 -23.77 -8.06
C ARG A 6 -6.00 -22.61 -7.07
N LEU A 7 -7.18 -22.50 -6.48
CA LEU A 7 -7.49 -21.45 -5.50
C LEU A 7 -6.83 -21.75 -4.18
N LYS A 8 -6.90 -23.02 -3.78
CA LYS A 8 -6.18 -23.44 -2.59
C LYS A 8 -4.68 -23.15 -2.69
N ALA A 9 -4.13 -23.36 -3.88
CA ALA A 9 -2.73 -23.13 -4.12
C ALA A 9 -2.46 -21.65 -4.06
N GLY A 10 -3.32 -20.84 -4.65
CA GLY A 10 -3.13 -19.40 -4.61
C GLY A 10 -3.19 -18.80 -3.20
N LEU A 11 -3.91 -19.47 -2.31
CA LEU A 11 -4.12 -19.01 -0.93
C LEU A 11 -3.23 -19.74 0.04
N ALA A 12 -2.33 -20.57 -0.47
CA ALA A 12 -1.41 -21.33 0.39
C ALA A 12 -0.53 -20.46 1.30
N LYS A 13 0.07 -19.43 0.76
CA LYS A 13 0.92 -18.56 1.57
C LYS A 13 0.09 -17.95 2.74
N THR A 14 -1.17 -17.63 2.47
CA THR A 14 -1.99 -17.01 3.49
C THR A 14 -2.38 -18.01 4.57
N ARG A 15 -2.86 -19.16 4.11
CA ARG A 15 -3.39 -20.22 4.98
C ARG A 15 -2.35 -20.97 5.85
N GLU A 16 -1.18 -21.24 5.29
CA GLU A 16 -0.21 -22.07 6.02
C GLU A 16 0.58 -21.44 7.16
N ARG A 17 0.36 -20.17 7.44
CA ARG A 17 1.09 -19.54 8.54
C ARG A 17 0.40 -19.92 9.87
N LEU A 18 -0.92 -19.77 9.93
CA LEU A 18 -1.65 -20.03 11.20
C LEU A 18 -3.04 -20.66 11.04
N LEU A 19 -3.74 -20.27 9.99
CA LEU A 19 -5.14 -20.65 9.80
C LEU A 19 -5.37 -22.13 9.80
N LYS A 20 -4.63 -22.86 8.95
CA LYS A 20 -4.79 -24.27 8.91
C LYS A 20 -4.32 -24.99 10.20
N ALA A 21 -3.48 -24.35 10.99
CA ALA A 21 -3.02 -24.97 12.22
C ALA A 21 -3.91 -24.75 13.45
N ILE A 22 -4.99 -23.99 13.33
CA ILE A 22 -5.83 -23.69 14.46
C ILE A 22 -6.33 -24.99 15.16
N PRO A 23 -6.06 -25.14 16.47
CA PRO A 23 -6.43 -26.35 17.19
C PRO A 23 -7.94 -26.45 17.50
N TRP A 24 -8.72 -26.68 16.47
CA TRP A 24 -10.17 -26.72 16.60
C TRP A 24 -10.72 -27.67 17.66
N GLY A 25 -9.86 -28.42 18.35
CA GLY A 25 -10.34 -29.36 19.35
C GLY A 25 -10.10 -29.01 20.79
N GLY A 26 -9.46 -27.88 21.09
CA GLY A 26 -9.11 -27.51 22.47
C GLY A 26 -10.19 -26.72 23.16
N ASN A 27 -9.92 -26.19 24.35
CA ASN A 27 -10.96 -25.40 25.03
C ASN A 27 -11.08 -24.02 24.39
N LEU A 28 -12.29 -23.45 24.43
CA LEU A 28 -12.57 -22.14 23.83
C LEU A 28 -11.43 -21.13 23.90
N GLU A 29 -11.07 -20.67 25.11
CA GLU A 29 -9.98 -19.69 25.29
C GLU A 29 -8.89 -19.83 24.23
N GLU A 30 -8.22 -20.97 24.19
CA GLU A 30 -7.15 -21.22 23.22
C GLU A 30 -7.55 -21.11 21.77
N VAL A 31 -8.62 -21.79 21.40
CA VAL A 31 -9.01 -21.77 20.02
C VAL A 31 -9.44 -20.36 19.56
N LEU A 32 -10.09 -19.59 20.44
CA LEU A 32 -10.54 -18.25 20.09
C LEU A 32 -9.32 -17.34 19.92
N GLU A 33 -8.36 -17.46 20.83
CA GLU A 33 -7.12 -16.70 20.71
C GLU A 33 -6.40 -17.00 19.37
N GLU A 34 -6.27 -18.28 19.06
CA GLU A 34 -5.53 -18.67 17.85
C GLU A 34 -6.28 -18.18 16.64
N LEU A 35 -7.60 -18.23 16.72
CA LEU A 35 -8.40 -17.77 15.59
C LEU A 35 -8.20 -16.26 15.39
N GLU A 36 -8.25 -15.46 16.45
CA GLU A 36 -8.10 -14.00 16.30
C GLU A 36 -6.68 -13.67 15.71
N MET A 37 -5.66 -14.36 16.21
CA MET A 37 -4.30 -14.12 15.74
C MET A 37 -4.18 -14.47 14.26
N ALA A 38 -4.79 -15.57 13.89
CA ALA A 38 -4.69 -15.98 12.50
C ALA A 38 -5.40 -14.99 11.58
N LEU A 39 -6.52 -14.48 12.05
CA LEU A 39 -7.26 -13.53 11.25
C LEU A 39 -6.48 -12.20 11.11
N LEU A 40 -5.94 -11.71 12.23
CA LEU A 40 -5.15 -10.49 12.18
C LEU A 40 -3.92 -10.69 11.25
N ALA A 41 -3.24 -11.81 11.37
CA ALA A 41 -2.02 -12.07 10.62
C ALA A 41 -2.31 -12.26 9.12
N ALA A 42 -3.57 -12.56 8.77
CA ALA A 42 -3.96 -12.65 7.39
C ALA A 42 -4.51 -11.36 6.79
N ASP A 43 -4.43 -10.26 7.56
CA ASP A 43 -4.92 -8.95 7.11
C ASP A 43 -6.43 -8.76 7.07
N VAL A 44 -7.16 -9.52 7.86
CA VAL A 44 -8.61 -9.38 7.98
C VAL A 44 -8.93 -8.04 8.63
N GLY A 45 -8.02 -7.54 9.47
CA GLY A 45 -8.15 -6.27 10.17
C GLY A 45 -8.93 -6.43 11.47
N LEU A 46 -8.67 -5.57 12.46
CA LEU A 46 -9.26 -5.63 13.78
C LEU A 46 -10.80 -5.53 13.72
N SER A 47 -11.30 -4.52 13.01
CA SER A 47 -12.74 -4.31 12.90
C SER A 47 -13.49 -5.57 12.56
N ALA A 48 -13.11 -6.16 11.43
CA ALA A 48 -13.75 -7.36 10.92
C ALA A 48 -13.52 -8.59 11.80
N THR A 49 -12.33 -8.66 12.37
CA THR A 49 -11.94 -9.76 13.22
C THR A 49 -12.76 -9.71 14.49
N GLU A 50 -12.81 -8.53 15.12
CA GLU A 50 -13.57 -8.35 16.37
C GLU A 50 -15.02 -8.74 16.19
N GLU A 51 -15.57 -8.44 15.02
CA GLU A 51 -16.96 -8.75 14.74
C GLU A 51 -17.18 -10.25 14.60
N ILE A 52 -16.21 -10.92 14.00
CA ILE A 52 -16.28 -12.36 13.84
C ILE A 52 -16.27 -13.00 15.21
N LEU A 53 -15.30 -12.67 16.03
CA LEU A 53 -15.26 -13.24 17.36
C LEU A 53 -16.58 -12.98 18.13
N GLN A 54 -17.22 -11.83 17.89
CA GLN A 54 -18.50 -11.55 18.54
C GLN A 54 -19.62 -12.39 17.93
N GLU A 55 -19.64 -12.54 16.61
CA GLU A 55 -20.64 -13.34 15.92
C GLU A 55 -20.46 -14.82 16.20
N VAL A 56 -19.24 -15.28 16.41
CA VAL A 56 -19.07 -16.69 16.67
C VAL A 56 -19.19 -17.04 18.11
N ARG A 57 -18.79 -16.13 18.99
CA ARG A 57 -18.86 -16.38 20.46
C ARG A 57 -20.29 -16.49 20.96
N ALA A 58 -20.85 -15.37 21.37
CA ALA A 58 -22.21 -15.36 21.90
C ALA A 58 -23.24 -16.03 20.96
N SER A 59 -23.10 -15.75 19.66
CA SER A 59 -24.01 -16.32 18.67
C SER A 59 -23.33 -17.52 18.05
N GLY A 60 -23.85 -17.97 16.92
CA GLY A 60 -23.24 -19.08 16.20
C GLY A 60 -23.17 -20.33 17.09
N ARG A 61 -24.30 -20.98 17.35
CA ARG A 61 -24.29 -22.18 18.21
C ARG A 61 -24.35 -23.51 17.45
N LYS A 62 -23.58 -23.55 16.37
CA LYS A 62 -23.42 -24.73 15.54
C LYS A 62 -21.99 -25.00 15.76
N ASP A 63 -21.41 -25.85 14.94
CA ASP A 63 -20.00 -26.14 15.07
C ASP A 63 -19.21 -24.83 15.03
N LEU A 64 -18.25 -24.67 15.92
CA LEU A 64 -17.47 -23.42 15.97
C LEU A 64 -16.84 -23.08 14.63
N LYS A 65 -16.18 -24.07 14.04
CA LYS A 65 -15.54 -23.90 12.76
C LYS A 65 -16.56 -23.51 11.69
N GLU A 66 -17.65 -24.22 11.69
CA GLU A 66 -18.72 -23.95 10.75
C GLU A 66 -19.24 -22.54 10.93
N ALA A 67 -19.34 -22.13 12.18
CA ALA A 67 -19.80 -20.79 12.50
C ALA A 67 -18.88 -19.74 11.87
N VAL A 68 -17.57 -19.96 12.05
CA VAL A 68 -16.57 -19.06 11.58
C VAL A 68 -16.69 -18.90 10.07
N LYS A 69 -16.67 -20.03 9.37
CA LYS A 69 -16.77 -20.01 7.92
C LYS A 69 -17.97 -19.20 7.42
N GLU A 70 -19.09 -19.47 8.06
CA GLU A 70 -20.35 -18.85 7.74
C GLU A 70 -20.27 -17.34 7.91
N LYS A 71 -19.60 -16.88 8.97
CA LYS A 71 -19.48 -15.46 9.20
C LYS A 71 -18.50 -14.81 8.18
N LEU A 72 -17.42 -15.49 7.86
CA LEU A 72 -16.42 -15.00 6.92
C LEU A 72 -17.08 -14.87 5.54
N VAL A 73 -17.82 -15.89 5.14
CA VAL A 73 -18.46 -15.88 3.84
C VAL A 73 -19.50 -14.76 3.77
N GLY A 74 -20.24 -14.57 4.86
CA GLY A 74 -21.22 -13.54 4.96
C GLY A 74 -20.63 -12.16 4.74
N MET A 75 -19.45 -11.92 5.33
CA MET A 75 -18.76 -10.64 5.21
C MET A 75 -18.30 -10.39 3.79
N LEU A 76 -18.19 -11.46 3.00
CA LEU A 76 -17.67 -11.38 1.63
C LEU A 76 -18.76 -11.25 0.57
N GLU A 77 -20.01 -11.22 1.00
CA GLU A 77 -21.13 -11.13 0.08
C GLU A 77 -21.87 -9.88 0.37
N PRO A 78 -21.70 -8.88 -0.49
CA PRO A 78 -22.37 -7.58 -0.38
C PRO A 78 -23.84 -7.63 -0.82
N ASP A 79 -24.15 -8.60 -1.68
CA ASP A 79 -25.49 -8.70 -2.24
C ASP A 79 -26.40 -9.59 -1.37
N GLU A 80 -27.45 -8.98 -0.83
CA GLU A 80 -28.37 -9.69 0.06
C GLU A 80 -29.00 -10.91 -0.62
N ARG A 81 -29.38 -10.71 -1.86
CA ARG A 81 -30.01 -11.71 -2.68
C ARG A 81 -29.20 -12.99 -2.79
N ARG A 82 -27.99 -12.91 -3.33
CA ARG A 82 -27.12 -14.08 -3.41
C ARG A 82 -26.85 -14.66 -2.04
N ALA A 83 -26.84 -13.82 -1.02
CA ALA A 83 -26.55 -14.31 0.35
C ALA A 83 -27.76 -15.17 0.79
N THR A 84 -28.96 -14.74 0.44
CA THR A 84 -30.14 -15.46 0.74
C THR A 84 -30.18 -16.79 0.04
N LEU A 85 -29.94 -16.77 -1.26
CA LEU A 85 -29.90 -17.99 -2.04
C LEU A 85 -28.91 -18.99 -1.42
N ARG A 86 -27.76 -18.47 -1.00
CA ARG A 86 -26.72 -19.31 -0.43
C ARG A 86 -27.30 -20.02 0.79
N LYS A 87 -28.02 -19.26 1.62
CA LYS A 87 -28.61 -19.80 2.85
C LYS A 87 -29.67 -20.81 2.51
N LEU A 88 -30.37 -20.59 1.41
CA LEU A 88 -31.38 -21.53 1.03
C LEU A 88 -30.74 -22.82 0.52
N GLY A 89 -29.42 -22.89 0.55
CA GLY A 89 -28.74 -24.05 0.06
C GLY A 89 -28.16 -23.97 -1.35
N PHE A 90 -28.31 -22.83 -2.01
CA PHE A 90 -27.77 -22.68 -3.36
C PHE A 90 -26.22 -22.76 -3.37
N ASN A 91 -25.66 -23.84 -3.90
CA ASN A 91 -24.19 -23.98 -3.92
C ASN A 91 -23.74 -24.83 -5.12
N PRO A 92 -23.72 -24.23 -6.30
CA PRO A 92 -23.34 -24.97 -7.50
C PRO A 92 -21.85 -25.27 -7.45
N GLN A 93 -21.42 -26.32 -8.14
CA GLN A 93 -20.01 -26.70 -8.18
C GLN A 93 -19.16 -25.57 -8.75
N LYS A 94 -19.41 -25.24 -10.01
CA LYS A 94 -18.66 -24.19 -10.66
C LYS A 94 -19.32 -22.85 -10.40
N PRO A 95 -18.54 -21.85 -9.95
CA PRO A 95 -19.11 -20.53 -9.67
C PRO A 95 -19.71 -19.95 -10.93
N LYS A 96 -20.97 -19.54 -10.88
CA LYS A 96 -21.62 -18.90 -12.01
C LYS A 96 -20.73 -17.81 -12.67
N PRO A 97 -20.76 -17.74 -14.00
CA PRO A 97 -19.95 -16.77 -14.72
C PRO A 97 -20.36 -15.32 -14.39
N VAL A 98 -19.37 -14.44 -14.34
CA VAL A 98 -19.61 -13.03 -14.01
C VAL A 98 -20.14 -12.34 -15.25
N GLU A 99 -21.35 -11.78 -15.14
CA GLU A 99 -21.97 -11.12 -16.29
C GLU A 99 -22.01 -9.61 -16.09
N PRO A 100 -21.31 -8.85 -16.92
CA PRO A 100 -21.33 -7.38 -16.81
C PRO A 100 -22.75 -6.89 -17.00
N LYS A 101 -23.16 -5.90 -16.19
CA LYS A 101 -24.51 -5.36 -16.21
C LYS A 101 -24.79 -4.67 -17.50
N GLY A 102 -23.73 -4.16 -18.16
CA GLY A 102 -23.91 -3.46 -19.43
C GLY A 102 -22.85 -3.80 -20.48
N ARG A 103 -22.70 -2.97 -21.48
CA ARG A 103 -21.74 -3.27 -22.56
C ARG A 103 -20.36 -2.71 -22.29
N VAL A 104 -20.28 -1.72 -21.42
CA VAL A 104 -18.98 -1.09 -21.20
C VAL A 104 -18.50 -1.27 -19.79
N VAL A 105 -17.24 -1.70 -19.66
CA VAL A 105 -16.63 -1.84 -18.32
C VAL A 105 -15.42 -0.85 -18.29
N LEU A 106 -15.45 0.09 -17.37
CA LEU A 106 -14.39 1.04 -17.17
C LEU A 106 -13.49 0.40 -16.14
N VAL A 107 -12.24 0.18 -16.50
CA VAL A 107 -11.29 -0.44 -15.60
C VAL A 107 -10.34 0.60 -14.99
N VAL A 108 -10.29 0.67 -13.66
CA VAL A 108 -9.47 1.67 -12.98
C VAL A 108 -8.55 1.05 -11.96
N GLY A 109 -7.55 1.82 -11.55
CA GLY A 109 -6.55 1.38 -10.57
C GLY A 109 -5.24 2.13 -10.71
N VAL A 110 -4.36 1.99 -9.75
CA VAL A 110 -3.14 2.70 -9.81
C VAL A 110 -2.15 1.99 -10.72
N ASN A 111 -1.21 2.75 -11.25
CA ASN A 111 -0.20 2.28 -12.17
C ASN A 111 0.52 1.07 -11.54
N GLY A 112 0.53 -0.05 -12.25
CA GLY A 112 1.33 -1.18 -11.75
C GLY A 112 0.57 -2.25 -11.02
N VAL A 113 -0.71 -2.13 -10.81
CA VAL A 113 -1.42 -3.18 -10.12
C VAL A 113 -1.74 -4.33 -11.07
N GLY A 114 -1.59 -4.11 -12.37
CA GLY A 114 -1.90 -5.19 -13.28
C GLY A 114 -3.15 -4.99 -14.10
N LYS A 115 -3.53 -3.76 -14.35
CA LYS A 115 -4.72 -3.50 -15.11
C LYS A 115 -4.56 -4.05 -16.53
N THR A 116 -3.45 -3.77 -17.20
CA THR A 116 -3.29 -4.26 -18.57
C THR A 116 -3.45 -5.82 -18.65
N THR A 117 -2.69 -6.52 -17.85
CA THR A 117 -2.73 -8.00 -17.82
C THR A 117 -4.12 -8.52 -17.47
N THR A 118 -4.76 -7.87 -16.54
CA THR A 118 -6.09 -8.28 -16.14
C THR A 118 -7.09 -8.13 -17.29
N ILE A 119 -7.04 -7.00 -17.99
CA ILE A 119 -7.98 -6.80 -19.08
C ILE A 119 -7.77 -7.88 -20.15
N ALA A 120 -6.52 -8.24 -20.38
CA ALA A 120 -6.23 -9.27 -21.36
C ALA A 120 -6.89 -10.59 -20.92
N LYS A 121 -6.75 -10.94 -19.64
CA LYS A 121 -7.30 -12.19 -19.14
C LYS A 121 -8.82 -12.10 -19.20
N LEU A 122 -9.38 -10.91 -18.95
CA LEU A 122 -10.82 -10.77 -19.01
C LEU A 122 -11.29 -10.94 -20.46
N GLY A 123 -10.54 -10.36 -21.40
CA GLY A 123 -10.91 -10.47 -22.81
C GLY A 123 -11.04 -11.97 -23.18
N ARG A 124 -10.07 -12.77 -22.76
CA ARG A 124 -10.05 -14.21 -23.02
C ARG A 124 -11.24 -14.88 -22.34
N TYR A 125 -11.46 -14.56 -21.07
CA TYR A 125 -12.57 -15.13 -20.31
C TYR A 125 -13.89 -14.91 -21.06
N TYR A 126 -14.12 -13.67 -21.50
CA TYR A 126 -15.37 -13.36 -22.13
C TYR A 126 -15.46 -13.88 -23.57
N GLN A 127 -14.32 -14.00 -24.24
CA GLN A 127 -14.36 -14.59 -25.58
C GLN A 127 -14.77 -16.05 -25.48
N ASN A 128 -14.26 -16.72 -24.47
CA ASN A 128 -14.54 -18.13 -24.31
C ASN A 128 -16.02 -18.29 -23.99
N LEU A 129 -16.66 -17.24 -23.50
CA LEU A 129 -18.07 -17.33 -23.19
C LEU A 129 -18.86 -16.91 -24.42
N GLY A 130 -18.19 -16.65 -25.53
CA GLY A 130 -18.91 -16.35 -26.74
C GLY A 130 -19.20 -14.86 -26.95
N LYS A 131 -18.61 -14.00 -26.13
CA LYS A 131 -18.83 -12.58 -26.32
C LYS A 131 -17.83 -12.02 -27.30
N LYS A 132 -18.25 -11.01 -28.05
CA LYS A 132 -17.40 -10.32 -28.95
C LYS A 132 -16.81 -9.13 -28.17
N VAL A 133 -15.51 -9.15 -27.94
CA VAL A 133 -14.87 -8.18 -27.05
C VAL A 133 -14.00 -7.16 -27.76
N MET A 134 -13.99 -5.94 -27.22
CA MET A 134 -13.20 -4.83 -27.75
C MET A 134 -12.45 -4.19 -26.56
N PHE A 135 -11.23 -3.68 -26.80
CA PHE A 135 -10.47 -2.97 -25.81
C PHE A 135 -10.30 -1.49 -26.25
N CYS A 136 -10.14 -0.64 -25.28
CA CYS A 136 -9.76 0.76 -25.49
C CYS A 136 -8.53 1.03 -24.62
N ALA A 137 -7.41 1.38 -25.22
CA ALA A 137 -6.14 1.63 -24.51
C ALA A 137 -6.13 3.05 -23.98
N GLY A 138 -6.90 3.26 -22.90
CA GLY A 138 -7.03 4.52 -22.21
C GLY A 138 -5.81 5.13 -21.57
N ASP A 139 -4.88 4.30 -21.09
CA ASP A 139 -3.63 4.79 -20.51
C ASP A 139 -2.75 5.24 -21.67
N THR A 140 -3.09 6.36 -22.32
CA THR A 140 -2.36 6.86 -23.50
C THR A 140 -1.32 7.86 -23.12
N PHE A 141 -1.07 8.01 -21.81
CA PHE A 141 -0.04 8.96 -21.40
C PHE A 141 1.25 8.26 -21.08
N ARG A 142 1.24 6.94 -21.25
CA ARG A 142 2.43 6.15 -20.99
C ARG A 142 2.66 5.02 -21.98
N ALA A 143 3.91 4.56 -22.04
CA ALA A 143 4.26 3.40 -22.86
C ALA A 143 4.39 2.20 -21.92
N ALA A 144 3.36 2.00 -21.12
CA ALA A 144 3.31 0.88 -20.19
C ALA A 144 4.46 -0.15 -20.36
N GLY A 145 5.55 0.05 -19.62
CA GLY A 145 6.68 -0.86 -19.70
C GLY A 145 6.26 -2.33 -19.88
N GLY A 146 6.79 -3.00 -20.91
CA GLY A 146 6.42 -4.40 -21.12
C GLY A 146 5.45 -4.53 -22.25
N THR A 147 4.42 -5.33 -22.05
CA THR A 147 3.43 -5.60 -23.09
C THR A 147 2.28 -4.58 -23.11
N GLN A 148 2.17 -3.81 -24.18
CA GLN A 148 1.10 -2.86 -24.32
C GLN A 148 -0.23 -3.62 -24.43
N LEU A 149 -1.34 -2.98 -24.06
CA LEU A 149 -2.62 -3.59 -24.23
C LEU A 149 -2.87 -3.88 -25.76
N SER A 150 -2.36 -3.01 -26.62
CA SER A 150 -2.49 -3.20 -28.05
C SER A 150 -1.87 -4.55 -28.51
N GLU A 151 -0.73 -4.92 -27.93
CA GLU A 151 -0.08 -6.15 -28.24
C GLU A 151 -0.95 -7.33 -27.74
N TRP A 152 -1.52 -7.21 -26.55
CA TRP A 152 -2.39 -8.29 -26.07
C TRP A 152 -3.61 -8.47 -27.03
N GLY A 153 -4.14 -7.37 -27.54
CA GLY A 153 -5.27 -7.44 -28.40
C GLY A 153 -4.93 -8.22 -29.64
N LYS A 154 -3.73 -8.01 -30.17
CA LYS A 154 -3.33 -8.76 -31.34
C LYS A 154 -3.21 -10.24 -31.01
N ARG A 155 -2.68 -10.55 -29.83
CA ARG A 155 -2.51 -11.96 -29.45
C ARG A 155 -3.84 -12.68 -29.31
N LEU A 156 -4.86 -11.94 -28.89
CA LEU A 156 -6.16 -12.52 -28.64
C LEU A 156 -7.14 -12.24 -29.78
N SER A 157 -6.65 -11.59 -30.84
CA SER A 157 -7.54 -11.18 -31.93
C SER A 157 -8.71 -10.29 -31.42
N ILE A 158 -8.42 -9.41 -30.47
CA ILE A 158 -9.43 -8.45 -30.01
C ILE A 158 -9.02 -7.10 -30.50
N PRO A 159 -9.91 -6.36 -31.13
CA PRO A 159 -9.56 -5.04 -31.65
C PRO A 159 -9.31 -4.10 -30.49
N VAL A 160 -8.33 -3.20 -30.67
CA VAL A 160 -7.97 -2.27 -29.63
C VAL A 160 -8.08 -0.81 -30.10
N ILE A 161 -8.98 -0.07 -29.50
CA ILE A 161 -9.05 1.31 -29.82
C ILE A 161 -7.86 2.04 -29.17
N GLN A 162 -7.10 2.76 -29.97
CA GLN A 162 -5.90 3.42 -29.46
C GLN A 162 -5.55 4.70 -30.22
N GLY A 163 -4.72 5.52 -29.62
CA GLY A 163 -4.21 6.71 -30.28
C GLY A 163 -2.77 7.01 -29.88
N PRO A 164 -2.15 7.99 -30.49
CA PRO A 164 -0.79 8.38 -30.15
C PRO A 164 -0.69 8.82 -28.69
N GLU A 165 0.50 8.67 -28.11
CA GLU A 165 0.79 9.08 -26.75
C GLU A 165 0.34 10.52 -26.49
N GLY A 166 -0.48 10.70 -25.48
CA GLY A 166 -0.99 12.02 -25.18
C GLY A 166 -2.39 12.28 -25.68
N THR A 167 -2.92 11.40 -26.52
CA THR A 167 -4.26 11.57 -27.07
C THR A 167 -5.30 11.74 -25.96
N ASP A 168 -6.23 12.66 -26.16
CA ASP A 168 -7.31 12.88 -25.21
C ASP A 168 -8.04 11.58 -24.90
N PRO A 169 -7.91 11.11 -23.66
CA PRO A 169 -8.43 9.78 -23.29
C PRO A 169 -9.94 9.74 -23.32
N ALA A 170 -10.59 10.85 -22.98
CA ALA A 170 -12.03 10.97 -23.10
C ALA A 170 -12.48 10.84 -24.55
N ALA A 171 -11.78 11.52 -25.44
CA ALA A 171 -12.10 11.48 -26.85
C ALA A 171 -11.89 10.07 -27.35
N LEU A 172 -10.83 9.40 -26.88
CA LEU A 172 -10.61 8.01 -27.27
C LEU A 172 -11.71 7.10 -26.79
N ALA A 173 -12.10 7.25 -25.52
CA ALA A 173 -13.19 6.44 -24.97
C ALA A 173 -14.53 6.62 -25.72
N TYR A 174 -14.85 7.84 -26.14
CA TYR A 174 -16.05 8.13 -26.89
C TYR A 174 -15.97 7.41 -28.21
N ASP A 175 -14.81 7.48 -28.87
CA ASP A 175 -14.64 6.82 -30.15
C ASP A 175 -14.78 5.31 -29.97
N ALA A 176 -14.28 4.79 -28.86
CA ALA A 176 -14.35 3.31 -28.65
C ALA A 176 -15.80 2.86 -28.46
N VAL A 177 -16.55 3.64 -27.71
CA VAL A 177 -17.94 3.27 -27.48
C VAL A 177 -18.75 3.34 -28.80
N GLN A 178 -18.50 4.37 -29.60
CA GLN A 178 -19.13 4.48 -30.90
C GLN A 178 -18.78 3.33 -31.82
N ALA A 179 -17.52 2.89 -31.74
CA ALA A 179 -17.06 1.77 -32.55
C ALA A 179 -17.71 0.49 -32.04
N MET A 180 -17.75 0.38 -30.75
CA MET A 180 -18.40 -0.81 -30.16
C MET A 180 -19.86 -0.94 -30.66
N LYS A 181 -20.58 0.17 -30.63
CA LYS A 181 -21.96 0.23 -31.02
C LYS A 181 -22.13 -0.03 -32.52
N ALA A 182 -21.36 0.71 -33.33
CA ALA A 182 -21.41 0.63 -34.79
C ALA A 182 -21.04 -0.73 -35.31
N ARG A 183 -20.13 -1.43 -34.63
CA ARG A 183 -19.63 -2.72 -35.13
C ARG A 183 -20.28 -3.92 -34.45
N GLY A 184 -21.25 -3.66 -33.58
CA GLY A 184 -22.00 -4.73 -32.94
C GLY A 184 -21.25 -5.53 -31.88
N TYR A 185 -20.38 -4.86 -31.11
CA TYR A 185 -19.64 -5.58 -30.07
C TYR A 185 -20.44 -5.75 -28.77
N ASP A 186 -20.29 -6.87 -28.12
CA ASP A 186 -20.97 -7.15 -26.85
C ASP A 186 -20.37 -6.47 -25.65
N LEU A 187 -19.04 -6.34 -25.61
CA LEU A 187 -18.35 -5.81 -24.41
C LEU A 187 -17.12 -4.98 -24.79
N LEU A 188 -16.97 -3.84 -24.12
CA LEU A 188 -15.82 -3.01 -24.33
C LEU A 188 -15.15 -2.79 -22.96
N PHE A 189 -13.89 -3.08 -22.87
CA PHE A 189 -13.12 -2.80 -21.69
C PHE A 189 -12.29 -1.55 -21.91
N VAL A 190 -12.59 -0.51 -21.16
CA VAL A 190 -11.82 0.75 -21.26
C VAL A 190 -10.73 0.81 -20.17
N ASP A 191 -9.47 0.67 -20.58
CA ASP A 191 -8.34 0.82 -19.70
C ASP A 191 -8.19 2.34 -19.43
N THR A 192 -7.57 2.72 -18.30
CA THR A 192 -7.34 4.07 -17.90
C THR A 192 -5.92 4.29 -17.26
N ALA A 193 -5.50 5.54 -17.26
CA ALA A 193 -4.26 5.97 -16.60
C ALA A 193 -4.33 5.62 -15.11
N GLY A 194 -3.18 5.45 -14.50
CA GLY A 194 -3.08 5.07 -13.11
C GLY A 194 -2.08 5.85 -12.27
N ARG A 195 -1.42 6.86 -12.83
CA ARG A 195 -0.44 7.60 -12.05
C ARG A 195 -1.11 8.73 -11.23
N LEU A 196 -0.94 8.63 -9.94
CA LEU A 196 -1.48 9.63 -9.04
C LEU A 196 -0.73 10.96 -8.91
N HIS A 197 0.51 11.07 -9.40
CA HIS A 197 1.22 12.29 -9.17
C HIS A 197 1.78 12.97 -10.41
N THR A 198 0.93 13.14 -11.41
CA THR A 198 1.33 13.82 -12.63
C THR A 198 0.74 15.24 -12.69
N LYS A 199 1.00 15.93 -13.80
CA LYS A 199 0.47 17.26 -14.06
C LYS A 199 -1.06 17.23 -14.31
N HIS A 200 -1.63 16.06 -14.52
CA HIS A 200 -3.08 15.95 -14.71
C HIS A 200 -3.70 15.13 -13.57
N ASN A 201 -4.53 15.77 -12.75
CA ASN A 201 -5.23 15.08 -11.68
C ASN A 201 -5.90 13.80 -12.17
N LEU A 202 -5.60 12.68 -11.55
CA LEU A 202 -6.12 11.39 -11.98
C LEU A 202 -7.63 11.23 -11.87
N MET A 203 -8.16 11.52 -10.70
CA MET A 203 -9.59 11.40 -10.49
C MET A 203 -10.38 12.28 -11.44
N GLU A 204 -9.89 13.49 -11.72
CA GLU A 204 -10.58 14.36 -12.67
C GLU A 204 -10.58 13.73 -14.06
N GLU A 205 -9.46 13.08 -14.42
CA GLU A 205 -9.34 12.46 -15.74
C GLU A 205 -10.34 11.26 -15.88
N LEU A 206 -10.41 10.46 -14.86
CA LEU A 206 -11.31 9.36 -14.86
C LEU A 206 -12.77 9.82 -14.97
N LYS A 207 -13.10 10.84 -14.19
CA LYS A 207 -14.46 11.39 -14.28
C LYS A 207 -14.74 11.90 -15.67
N LYS A 208 -13.74 12.50 -16.30
CA LYS A 208 -13.92 12.94 -17.68
C LYS A 208 -14.14 11.78 -18.66
N VAL A 209 -13.42 10.68 -18.47
CA VAL A 209 -13.57 9.51 -19.34
C VAL A 209 -14.98 8.89 -19.17
N LYS A 210 -15.40 8.79 -17.91
CA LYS A 210 -16.72 8.23 -17.64
C LYS A 210 -17.82 9.09 -18.31
N ARG A 211 -17.66 10.41 -18.23
CA ARG A 211 -18.61 11.36 -18.81
C ARG A 211 -18.69 11.15 -20.32
N ALA A 212 -17.54 10.90 -20.92
CA ALA A 212 -17.45 10.72 -22.36
C ALA A 212 -18.17 9.42 -22.78
N ILE A 213 -17.95 8.37 -22.00
CA ILE A 213 -18.60 7.09 -22.24
C ILE A 213 -20.11 7.30 -22.22
N ALA A 214 -20.62 8.00 -21.21
CA ALA A 214 -22.02 8.27 -21.06
C ALA A 214 -22.54 9.10 -22.20
N LYS A 215 -21.73 10.02 -22.72
CA LYS A 215 -22.15 10.85 -23.83
C LYS A 215 -22.38 10.02 -25.08
N ALA A 216 -21.56 9.01 -25.29
CA ALA A 216 -21.69 8.15 -26.45
C ALA A 216 -22.84 7.18 -26.21
N ASP A 217 -23.02 6.77 -24.95
CA ASP A 217 -24.08 5.84 -24.59
C ASP A 217 -24.59 6.14 -23.16
N PRO A 218 -25.68 6.88 -23.09
CA PRO A 218 -26.25 7.39 -21.83
C PRO A 218 -26.39 6.45 -20.62
N GLU A 219 -26.45 5.15 -20.84
CA GLU A 219 -26.54 4.21 -19.75
C GLU A 219 -25.18 3.68 -19.25
N GLU A 220 -24.13 3.92 -20.02
CA GLU A 220 -22.84 3.33 -19.73
C GLU A 220 -21.93 4.34 -19.00
N PRO A 221 -20.90 3.85 -18.34
CA PRO A 221 -20.59 2.42 -18.23
C PRO A 221 -21.36 1.75 -17.08
N LYS A 222 -21.91 0.56 -17.31
CA LYS A 222 -22.68 -0.05 -16.25
C LYS A 222 -21.80 -0.78 -15.25
N GLU A 223 -20.51 -0.90 -15.54
CA GLU A 223 -19.59 -1.48 -14.61
C GLU A 223 -18.38 -0.58 -14.57
N VAL A 224 -17.90 -0.36 -13.35
CA VAL A 224 -16.64 0.30 -13.10
C VAL A 224 -15.89 -0.62 -12.14
N TRP A 225 -14.86 -1.28 -12.63
CA TRP A 225 -14.10 -2.23 -11.82
C TRP A 225 -12.70 -1.74 -11.47
N LEU A 226 -12.37 -1.78 -10.19
CA LEU A 226 -11.05 -1.40 -9.70
C LEU A 226 -10.19 -2.64 -9.54
N VAL A 227 -8.97 -2.58 -10.07
CA VAL A 227 -8.05 -3.61 -9.88
C VAL A 227 -7.13 -3.23 -8.69
N LEU A 228 -6.97 -4.14 -7.74
CA LEU A 228 -6.14 -3.92 -6.53
C LEU A 228 -5.21 -5.13 -6.43
N ASP A 229 -4.00 -4.88 -6.02
CA ASP A 229 -2.99 -5.92 -5.89
C ASP A 229 -2.98 -6.35 -4.44
N ALA A 230 -3.10 -7.66 -4.18
CA ALA A 230 -3.23 -8.20 -2.85
C ALA A 230 -1.95 -7.94 -2.09
N VAL A 231 -0.83 -8.08 -2.78
CA VAL A 231 0.49 -7.81 -2.24
C VAL A 231 0.55 -6.45 -1.52
N THR A 232 -0.26 -5.50 -1.98
CA THR A 232 -0.28 -4.15 -1.47
C THR A 232 -0.95 -4.14 -0.11
N GLY A 233 -1.94 -5.00 0.06
CA GLY A 233 -2.58 -5.11 1.36
C GLY A 233 -3.60 -4.05 1.63
N GLN A 234 -3.65 -3.64 2.88
CA GLN A 234 -4.59 -2.61 3.25
C GLN A 234 -4.20 -1.22 2.71
N ASN A 235 -3.10 -1.12 1.98
CA ASN A 235 -2.65 0.18 1.46
C ASN A 235 -3.50 0.56 0.22
N GLY A 236 -3.78 -0.41 -0.61
CA GLY A 236 -4.54 -0.03 -1.79
C GLY A 236 -6.03 0.28 -1.54
N LEU A 237 -6.41 0.35 -0.26
CA LEU A 237 -7.77 0.62 0.19
C LEU A 237 -8.03 2.11 0.36
N GLU A 238 -7.11 2.84 0.96
CA GLU A 238 -7.38 4.27 1.11
C GLU A 238 -7.54 4.88 -0.28
N GLN A 239 -6.73 4.38 -1.22
CA GLN A 239 -6.75 4.91 -2.58
C GLN A 239 -8.03 4.44 -3.21
N ALA A 240 -8.35 3.17 -2.96
CA ALA A 240 -9.57 2.60 -3.53
C ALA A 240 -10.78 3.46 -3.18
N LYS A 241 -10.79 3.97 -1.95
CA LYS A 241 -11.83 4.84 -1.49
C LYS A 241 -11.96 6.10 -2.34
N LYS A 242 -10.84 6.62 -2.82
CA LYS A 242 -10.87 7.78 -3.68
C LYS A 242 -11.45 7.49 -5.04
N PHE A 243 -11.08 6.34 -5.59
CA PHE A 243 -11.58 5.93 -6.91
C PHE A 243 -13.11 5.72 -6.76
N HIS A 244 -13.51 5.09 -5.68
CA HIS A 244 -14.93 4.85 -5.46
C HIS A 244 -15.72 6.17 -5.36
N GLU A 245 -15.19 7.13 -4.61
CA GLU A 245 -15.81 8.42 -4.46
C GLU A 245 -15.84 9.23 -5.73
N ALA A 246 -14.90 8.98 -6.66
CA ALA A 246 -14.89 9.72 -7.92
C ALA A 246 -15.74 9.13 -9.02
N VAL A 247 -15.67 7.82 -9.20
CA VAL A 247 -16.37 7.23 -10.33
C VAL A 247 -17.39 6.16 -10.02
N GLY A 248 -17.55 5.78 -8.76
CA GLY A 248 -18.55 4.79 -8.34
C GLY A 248 -18.27 3.36 -8.81
N LEU A 249 -17.50 2.64 -8.02
CA LEU A 249 -17.18 1.27 -8.37
C LEU A 249 -18.42 0.40 -8.26
N THR A 250 -18.43 -0.65 -9.08
CA THR A 250 -19.47 -1.65 -9.01
C THR A 250 -18.82 -2.97 -8.70
N GLY A 251 -17.50 -2.99 -8.62
CA GLY A 251 -16.78 -4.22 -8.35
C GLY A 251 -15.26 -4.07 -8.22
N VAL A 252 -14.64 -5.09 -7.64
CA VAL A 252 -13.24 -5.13 -7.42
C VAL A 252 -12.59 -6.47 -7.91
N ILE A 253 -11.45 -6.36 -8.55
CA ILE A 253 -10.66 -7.48 -8.94
C ILE A 253 -9.37 -7.41 -8.12
N VAL A 254 -9.07 -8.51 -7.41
CA VAL A 254 -7.88 -8.62 -6.59
C VAL A 254 -6.90 -9.60 -7.23
N THR A 255 -5.73 -9.09 -7.60
CA THR A 255 -4.69 -9.85 -8.23
C THR A 255 -3.60 -10.21 -7.22
N LYS A 256 -2.78 -11.17 -7.65
CA LYS A 256 -1.58 -11.64 -7.00
C LYS A 256 -1.77 -12.19 -5.59
N LEU A 257 -2.89 -12.90 -5.37
CA LEU A 257 -3.13 -13.45 -4.06
C LEU A 257 -2.07 -14.45 -3.72
N ASP A 258 -1.54 -15.10 -4.75
CA ASP A 258 -0.54 -16.13 -4.53
C ASP A 258 0.79 -15.61 -4.03
N GLY A 259 1.01 -14.30 -4.19
CA GLY A 259 2.27 -13.72 -3.74
C GLY A 259 2.26 -13.09 -2.36
N THR A 260 1.21 -13.30 -1.57
CA THR A 260 1.19 -12.71 -0.24
C THR A 260 0.57 -13.64 0.76
N ALA A 261 0.89 -13.42 2.03
CA ALA A 261 0.31 -14.17 3.14
C ALA A 261 -0.90 -13.38 3.70
N LYS A 262 -1.29 -12.33 2.97
CA LYS A 262 -2.33 -11.38 3.42
C LYS A 262 -3.61 -11.48 2.63
N GLY A 263 -3.95 -12.69 2.20
CA GLY A 263 -5.12 -12.91 1.41
C GLY A 263 -6.44 -12.63 2.15
N GLY A 264 -6.41 -12.49 3.48
CA GLY A 264 -7.62 -12.17 4.18
C GLY A 264 -8.10 -10.75 3.90
N VAL A 265 -7.29 -9.97 3.14
CA VAL A 265 -7.59 -8.54 2.91
C VAL A 265 -8.89 -8.36 2.15
N LEU A 266 -9.33 -9.42 1.48
CA LEU A 266 -10.58 -9.29 0.75
C LEU A 266 -11.80 -8.95 1.65
N ILE A 267 -11.76 -9.38 2.90
CA ILE A 267 -12.81 -9.02 3.86
C ILE A 267 -12.95 -7.51 4.10
N PRO A 268 -11.88 -6.82 4.52
CA PRO A 268 -11.94 -5.37 4.74
C PRO A 268 -12.28 -4.63 3.42
N ILE A 269 -11.89 -5.21 2.30
CA ILE A 269 -12.12 -4.57 1.01
C ILE A 269 -13.60 -4.53 0.77
N VAL A 270 -14.25 -5.66 0.92
CA VAL A 270 -15.67 -5.69 0.73
C VAL A 270 -16.46 -4.86 1.86
N ARG A 271 -16.01 -4.92 3.10
CA ARG A 271 -16.71 -4.19 4.14
C ARG A 271 -16.52 -2.69 3.96
N THR A 272 -15.38 -2.23 3.44
CA THR A 272 -15.11 -0.84 3.28
C THR A 272 -15.81 -0.27 2.03
N LEU A 273 -15.64 -0.91 0.88
CA LEU A 273 -16.17 -0.39 -0.38
C LEU A 273 -17.61 -0.82 -0.64
N LYS A 274 -18.03 -1.90 0.02
CA LYS A 274 -19.39 -2.39 -0.14
C LYS A 274 -19.74 -2.77 -1.58
N VAL A 275 -18.77 -3.25 -2.35
CA VAL A 275 -19.02 -3.77 -3.69
C VAL A 275 -18.47 -5.15 -3.73
N PRO A 276 -18.96 -5.97 -4.63
CA PRO A 276 -18.49 -7.36 -4.76
C PRO A 276 -17.10 -7.55 -5.37
N ILE A 277 -16.45 -8.64 -4.97
CA ILE A 277 -15.20 -9.01 -5.55
C ILE A 277 -15.61 -9.76 -6.78
N LYS A 278 -15.20 -9.30 -7.97
CA LYS A 278 -15.62 -9.95 -9.23
C LYS A 278 -14.76 -11.13 -9.64
N PHE A 279 -13.42 -10.95 -9.60
CA PHE A 279 -12.48 -12.01 -9.90
C PHE A 279 -11.33 -11.89 -8.93
N VAL A 280 -10.59 -13.00 -8.81
CA VAL A 280 -9.41 -13.07 -7.99
C VAL A 280 -8.30 -13.70 -8.80
N GLY A 281 -7.11 -13.09 -8.78
CA GLY A 281 -5.97 -13.63 -9.48
C GLY A 281 -5.22 -14.63 -8.58
N VAL A 282 -5.24 -15.90 -8.96
CA VAL A 282 -4.63 -16.96 -8.17
C VAL A 282 -3.28 -17.37 -8.67
N GLY A 283 -2.84 -16.80 -9.79
CA GLY A 283 -1.54 -17.12 -10.37
C GLY A 283 -1.36 -16.24 -11.56
N GLU A 284 -0.36 -16.52 -12.38
CA GLU A 284 -0.14 -15.65 -13.56
C GLU A 284 -0.62 -16.27 -14.91
N GLY A 285 -1.17 -17.48 -14.85
CA GLY A 285 -1.67 -18.13 -16.06
C GLY A 285 -2.91 -17.41 -16.62
N PRO A 286 -3.24 -17.71 -17.87
CA PRO A 286 -4.42 -17.07 -18.51
C PRO A 286 -5.73 -17.44 -17.79
N ASP A 287 -5.84 -18.67 -17.31
CA ASP A 287 -7.01 -19.12 -16.55
C ASP A 287 -6.82 -18.96 -15.06
N ASP A 288 -5.82 -18.21 -14.63
CA ASP A 288 -5.60 -17.95 -13.20
C ASP A 288 -6.40 -16.78 -12.68
N LEU A 289 -7.16 -16.13 -13.54
CA LEU A 289 -8.07 -15.05 -13.11
C LEU A 289 -9.42 -15.73 -12.95
N GLN A 290 -9.78 -16.16 -11.72
CA GLN A 290 -11.00 -16.87 -11.47
C GLN A 290 -12.16 -16.00 -10.98
N PRO A 291 -13.38 -16.33 -11.43
CA PRO A 291 -14.56 -15.58 -10.98
C PRO A 291 -14.63 -15.83 -9.49
N PHE A 292 -14.90 -14.81 -8.69
CA PHE A 292 -14.90 -14.95 -7.23
C PHE A 292 -16.08 -15.80 -6.71
N ASP A 293 -15.80 -16.59 -5.70
CA ASP A 293 -16.78 -17.42 -5.03
C ASP A 293 -16.46 -17.36 -3.57
N PRO A 294 -17.22 -16.60 -2.78
CA PRO A 294 -17.00 -16.45 -1.33
C PRO A 294 -16.85 -17.78 -0.61
N GLU A 295 -17.76 -18.72 -0.88
CA GLU A 295 -17.72 -20.00 -0.20
C GLU A 295 -16.39 -20.75 -0.46
N ALA A 296 -16.03 -20.87 -1.72
CA ALA A 296 -14.80 -21.55 -2.12
C ALA A 296 -13.58 -20.80 -1.54
N PHE A 297 -13.66 -19.48 -1.52
CA PHE A 297 -12.58 -18.65 -1.00
C PHE A 297 -12.29 -18.94 0.44
N VAL A 298 -13.33 -18.87 1.26
CA VAL A 298 -13.21 -19.13 2.68
C VAL A 298 -12.78 -20.55 2.94
N GLU A 299 -13.25 -21.46 2.10
CA GLU A 299 -12.88 -22.86 2.34
C GLU A 299 -11.36 -23.01 2.12
N ALA A 300 -10.86 -22.32 1.08
CA ALA A 300 -9.45 -22.37 0.76
C ALA A 300 -8.56 -21.63 1.76
N LEU A 301 -9.15 -20.72 2.55
CA LEU A 301 -8.44 -19.94 3.54
C LEU A 301 -8.11 -20.79 4.72
N LEU A 302 -9.00 -21.73 5.02
CA LEU A 302 -8.90 -22.54 6.18
C LEU A 302 -8.61 -24.02 5.97
N GLU A 303 -8.81 -24.51 4.74
CA GLU A 303 -8.63 -25.93 4.49
C GLU A 303 -7.54 -26.21 3.50
N ASP A 304 -6.90 -27.37 3.71
CA ASP A 304 -5.81 -27.91 2.89
C ASP A 304 -4.46 -27.28 3.17
N MET B 1 6.04 15.94 29.74
CA MET B 1 5.22 16.67 28.72
C MET B 1 6.14 17.16 27.60
N GLY B 2 5.82 18.32 27.03
CA GLY B 2 6.62 18.92 25.95
C GLY B 2 6.31 18.26 24.61
N PHE B 3 7.31 17.65 23.99
CA PHE B 3 7.09 16.98 22.75
C PHE B 3 6.44 15.62 23.03
N PHE B 4 6.40 15.24 24.31
CA PHE B 4 5.79 13.95 24.68
C PHE B 4 4.30 13.97 24.38
N ASP B 5 3.66 15.12 24.54
CA ASP B 5 2.25 15.27 24.22
C ASP B 5 2.00 15.01 22.74
N ARG B 6 2.69 15.74 21.88
CA ARG B 6 2.53 15.62 20.44
C ARG B 6 2.75 14.18 19.98
N LEU B 7 3.71 13.51 20.61
CA LEU B 7 4.03 12.13 20.32
C LEU B 7 2.87 11.21 20.76
N LYS B 8 2.40 11.38 22.00
CA LYS B 8 1.28 10.56 22.46
C LYS B 8 0.11 10.79 21.54
N ALA B 9 -0.09 12.06 21.15
CA ALA B 9 -1.16 12.41 20.25
C ALA B 9 -1.03 11.74 18.89
N GLY B 10 0.19 11.67 18.36
CA GLY B 10 0.44 11.05 17.08
C GLY B 10 0.16 9.54 17.09
N LEU B 11 0.38 8.90 18.24
CA LEU B 11 0.10 7.49 18.41
C LEU B 11 -1.26 7.13 19.00
N ALA B 12 -2.10 8.13 19.23
CA ALA B 12 -3.41 7.98 19.85
C ALA B 12 -4.25 6.96 19.12
N LYS B 13 -4.36 7.12 17.81
CA LYS B 13 -5.13 6.19 17.01
C LYS B 13 -4.57 4.78 17.08
N THR B 14 -3.24 4.66 17.18
CA THR B 14 -2.65 3.33 17.30
C THR B 14 -2.93 2.74 18.66
N ARG B 15 -2.82 3.59 19.69
CA ARG B 15 -2.92 3.19 21.10
C ARG B 15 -4.33 2.84 21.51
N GLU B 16 -5.26 3.60 20.98
CA GLU B 16 -6.66 3.53 21.38
C GLU B 16 -7.27 2.15 21.31
N ARG B 17 -7.07 1.50 20.17
CA ARG B 17 -7.68 0.18 19.87
C ARG B 17 -7.57 -0.94 20.91
N LEU B 18 -6.36 -1.25 21.36
CA LEU B 18 -6.18 -2.34 22.27
C LEU B 18 -5.09 -2.14 23.28
N LEU B 19 -4.03 -1.41 22.92
CA LEU B 19 -2.87 -1.21 23.79
C LEU B 19 -3.24 -0.62 25.14
N LYS B 20 -4.05 0.43 25.14
CA LYS B 20 -4.44 1.14 26.36
C LYS B 20 -5.23 0.31 27.36
N ALA B 21 -5.94 -0.71 26.87
CA ALA B 21 -6.76 -1.55 27.75
C ALA B 21 -6.08 -2.80 28.30
N ILE B 22 -4.75 -2.91 28.16
CA ILE B 22 -4.00 -4.05 28.69
C ILE B 22 -3.81 -3.97 30.21
N PRO B 23 -4.34 -4.96 30.96
CA PRO B 23 -4.17 -5.04 32.41
C PRO B 23 -2.76 -5.40 32.88
N TRP B 24 -1.83 -4.47 32.79
CA TRP B 24 -0.46 -4.67 33.24
C TRP B 24 -0.47 -4.88 34.75
N GLY B 25 0.13 -5.99 35.19
CA GLY B 25 0.19 -6.30 36.59
C GLY B 25 -0.93 -7.24 36.98
N GLY B 26 -0.56 -8.27 37.74
CA GLY B 26 -1.53 -9.25 38.18
C GLY B 26 -1.55 -10.45 37.25
N ASN B 27 -2.41 -10.43 36.21
CA ASN B 27 -2.58 -11.57 35.34
C ASN B 27 -1.30 -11.75 34.58
N LEU B 28 -1.11 -12.94 33.98
CA LEU B 28 0.10 -13.22 33.22
C LEU B 28 -0.16 -14.28 32.15
N GLU B 29 -1.39 -14.33 31.66
CA GLU B 29 -1.68 -15.00 30.40
C GLU B 29 -2.85 -14.33 29.68
N GLU B 30 -3.54 -13.45 30.38
CA GLU B 30 -4.46 -12.50 29.74
C GLU B 30 -3.71 -11.26 29.26
N VAL B 31 -2.66 -10.89 29.98
CA VAL B 31 -1.87 -9.73 29.62
C VAL B 31 -1.05 -10.11 28.38
N LEU B 32 -0.48 -11.29 28.36
CA LEU B 32 0.29 -11.75 27.22
C LEU B 32 -0.59 -11.91 25.97
N GLU B 33 -1.73 -12.58 26.16
CA GLU B 33 -2.69 -12.79 25.10
C GLU B 33 -3.09 -11.47 24.47
N GLU B 34 -3.38 -10.48 25.34
CA GLU B 34 -3.78 -9.14 24.92
C GLU B 34 -2.67 -8.42 24.18
N LEU B 35 -1.44 -8.48 24.72
CA LEU B 35 -0.30 -7.83 24.15
C LEU B 35 -0.12 -8.32 22.71
N GLU B 36 -0.24 -9.62 22.49
CA GLU B 36 -0.11 -10.18 21.19
C GLU B 36 -1.15 -9.66 20.20
N MET B 37 -2.40 -9.65 20.58
CA MET B 37 -3.44 -9.15 19.70
C MET B 37 -3.17 -7.66 19.37
N ALA B 38 -2.75 -6.90 20.38
CA ALA B 38 -2.51 -5.46 20.26
C ALA B 38 -1.37 -5.20 19.33
N LEU B 39 -0.29 -5.97 19.50
CA LEU B 39 0.88 -5.89 18.61
C LEU B 39 0.53 -6.19 17.14
N LEU B 40 -0.19 -7.30 16.92
CA LEU B 40 -0.58 -7.64 15.56
C LEU B 40 -1.47 -6.54 14.92
N ALA B 41 -2.38 -5.98 15.72
CA ALA B 41 -3.31 -4.96 15.24
C ALA B 41 -2.59 -3.61 15.05
N ALA B 42 -1.44 -3.42 15.71
CA ALA B 42 -0.69 -2.17 15.54
C ALA B 42 0.33 -2.29 14.36
N ASP B 43 0.29 -3.44 13.66
CA ASP B 43 1.12 -3.73 12.48
C ASP B 43 2.59 -4.03 12.77
N VAL B 44 2.86 -4.64 13.92
CA VAL B 44 4.19 -5.03 14.29
C VAL B 44 4.59 -6.25 13.47
N GLY B 45 3.62 -7.01 13.01
CA GLY B 45 3.87 -8.17 12.13
C GLY B 45 4.02 -9.47 12.93
N LEU B 46 3.68 -10.58 12.33
CA LEU B 46 3.68 -11.86 12.96
C LEU B 46 5.05 -12.27 13.54
N SER B 47 6.10 -12.20 12.71
CA SER B 47 7.42 -12.63 13.14
C SER B 47 7.93 -11.88 14.35
N ALA B 48 7.84 -10.55 14.33
CA ALA B 48 8.35 -9.72 15.44
C ALA B 48 7.45 -9.89 16.66
N THR B 49 6.14 -10.03 16.43
CA THR B 49 5.24 -10.24 17.56
C THR B 49 5.53 -11.57 18.27
N GLU B 50 5.72 -12.63 17.50
CA GLU B 50 6.04 -13.92 18.12
C GLU B 50 7.42 -13.83 18.85
N GLU B 51 8.34 -13.09 18.25
CA GLU B 51 9.66 -12.94 18.83
C GLU B 51 9.56 -12.24 20.18
N ILE B 52 8.72 -11.20 20.25
CA ILE B 52 8.52 -10.45 21.47
C ILE B 52 7.99 -11.34 22.56
N LEU B 53 6.89 -12.01 22.27
CA LEU B 53 6.24 -12.90 23.22
C LEU B 53 7.19 -13.98 23.70
N GLN B 54 7.97 -14.54 22.78
CA GLN B 54 8.92 -15.58 23.20
C GLN B 54 10.00 -15.01 24.14
N GLU B 55 10.31 -13.74 23.98
CA GLU B 55 11.31 -13.05 24.77
C GLU B 55 10.79 -12.81 26.19
N VAL B 56 9.60 -12.24 26.30
CA VAL B 56 9.02 -11.88 27.60
C VAL B 56 8.58 -13.08 28.42
N ARG B 57 8.01 -14.08 27.77
CA ARG B 57 7.60 -15.29 28.48
C ARG B 57 8.83 -16.04 28.98
N ALA B 58 9.88 -15.98 28.17
CA ALA B 58 11.12 -16.65 28.50
C ALA B 58 12.04 -15.74 29.29
N SER B 59 11.63 -15.43 30.53
CA SER B 59 12.41 -14.60 31.45
C SER B 59 11.55 -14.19 32.62
N GLY B 60 12.08 -13.30 33.45
CA GLY B 60 11.33 -12.78 34.60
C GLY B 60 9.94 -12.28 34.22
N ARG B 61 9.01 -12.40 35.16
CA ARG B 61 7.63 -11.98 34.96
C ARG B 61 7.32 -10.73 35.78
N LYS B 62 8.04 -10.56 36.89
CA LYS B 62 7.85 -9.41 37.76
C LYS B 62 7.32 -8.18 36.99
N ASP B 63 8.24 -7.34 36.52
CA ASP B 63 7.84 -6.13 35.82
C ASP B 63 7.76 -6.42 34.32
N LEU B 64 6.73 -7.15 33.94
CA LEU B 64 6.56 -7.53 32.55
C LEU B 64 6.44 -6.34 31.62
N LYS B 65 5.66 -5.34 32.04
CA LYS B 65 5.47 -4.14 31.22
C LYS B 65 6.79 -3.47 30.93
N GLU B 66 7.73 -3.63 31.86
CA GLU B 66 9.07 -3.05 31.71
C GLU B 66 9.91 -3.93 30.78
N ALA B 67 9.73 -5.25 30.90
CA ALA B 67 10.45 -6.20 30.07
C ALA B 67 9.96 -6.06 28.64
N VAL B 68 8.69 -5.74 28.46
CA VAL B 68 8.09 -5.54 27.15
C VAL B 68 8.67 -4.29 26.50
N LYS B 69 8.55 -3.18 27.20
CA LYS B 69 9.14 -1.94 26.75
C LYS B 69 10.56 -2.18 26.31
N GLU B 70 11.28 -2.87 27.18
CA GLU B 70 12.66 -3.24 26.98
C GLU B 70 12.86 -3.97 25.66
N LYS B 71 12.02 -4.96 25.38
CA LYS B 71 12.10 -5.73 24.16
C LYS B 71 11.70 -4.89 22.91
N LEU B 72 10.65 -4.10 23.04
CA LEU B 72 10.22 -3.25 21.93
C LEU B 72 11.31 -2.26 21.52
N VAL B 73 11.87 -1.58 22.51
CA VAL B 73 12.95 -0.64 22.28
C VAL B 73 14.07 -1.29 21.51
N GLY B 74 14.48 -2.48 21.96
CA GLY B 74 15.56 -3.23 21.32
C GLY B 74 15.35 -3.53 19.85
N MET B 75 14.10 -3.81 19.45
CA MET B 75 13.85 -4.10 18.05
C MET B 75 13.80 -2.82 17.16
N LEU B 76 13.61 -1.67 17.80
CA LEU B 76 13.54 -0.39 17.12
C LEU B 76 14.94 0.15 16.89
N GLU B 77 15.96 -0.60 17.31
CA GLU B 77 17.36 -0.23 17.13
C GLU B 77 18.10 -1.32 16.36
N PRO B 78 18.61 -0.99 15.18
CA PRO B 78 19.29 -1.95 14.32
C PRO B 78 20.65 -2.40 14.88
N ASP B 79 21.44 -1.47 15.42
CA ASP B 79 22.76 -1.78 15.99
C ASP B 79 22.66 -2.53 17.30
N LYS B 94 13.47 15.09 26.93
CA LYS B 94 13.63 16.16 25.95
C LYS B 94 14.41 15.70 24.70
N PRO B 95 13.81 15.88 23.53
CA PRO B 95 14.46 15.45 22.29
C PRO B 95 15.60 16.39 21.91
N LYS B 96 16.65 15.78 21.34
CA LYS B 96 17.82 16.48 20.86
C LYS B 96 17.79 16.43 19.33
N PRO B 97 18.15 17.53 18.67
CA PRO B 97 18.16 17.55 17.19
C PRO B 97 19.06 16.44 16.62
N VAL B 98 18.65 15.89 15.49
CA VAL B 98 19.39 14.82 14.85
C VAL B 98 20.50 15.53 14.12
N GLU B 99 21.69 14.97 14.18
CA GLU B 99 22.81 15.60 13.49
C GLU B 99 23.25 14.78 12.29
N PRO B 100 23.12 15.32 11.10
CA PRO B 100 23.58 14.61 9.90
C PRO B 100 25.09 14.39 10.03
N LYS B 101 25.56 13.21 9.69
CA LYS B 101 26.98 12.87 9.86
C LYS B 101 27.88 13.71 8.96
N GLY B 102 27.36 14.22 7.85
CA GLY B 102 28.16 15.00 6.91
C GLY B 102 27.38 16.22 6.46
N ARG B 103 27.78 16.76 5.31
CA ARG B 103 27.16 17.95 4.76
C ARG B 103 26.08 17.67 3.70
N VAL B 104 26.06 16.46 3.13
CA VAL B 104 25.08 16.17 2.09
C VAL B 104 24.07 15.08 2.54
N VAL B 105 22.80 15.37 2.40
CA VAL B 105 21.80 14.39 2.69
C VAL B 105 21.09 14.06 1.40
N LEU B 106 21.22 12.82 0.94
CA LEU B 106 20.50 12.35 -0.22
C LEU B 106 19.15 11.81 0.19
N VAL B 107 18.07 12.43 -0.24
CA VAL B 107 16.71 12.04 0.15
C VAL B 107 15.99 11.28 -0.97
N VAL B 108 15.63 10.02 -0.66
CA VAL B 108 14.99 9.16 -1.63
C VAL B 108 13.65 8.67 -1.19
N GLY B 109 12.86 8.17 -2.15
CA GLY B 109 11.54 7.58 -1.87
C GLY B 109 10.66 7.70 -3.11
N VAL B 110 9.50 7.04 -3.10
CA VAL B 110 8.56 7.14 -4.19
C VAL B 110 7.79 8.43 -4.16
N ASN B 111 7.33 8.88 -5.34
CA ASN B 111 6.53 10.10 -5.45
C ASN B 111 5.27 10.01 -4.59
N GLY B 112 4.89 11.15 -4.00
CA GLY B 112 3.68 11.29 -3.22
C GLY B 112 3.89 10.89 -1.79
N VAL B 113 5.11 10.51 -1.48
CA VAL B 113 5.38 10.17 -0.12
C VAL B 113 5.65 11.39 0.74
N GLY B 114 5.83 12.56 0.09
CA GLY B 114 6.13 13.80 0.80
C GLY B 114 7.63 14.13 0.98
N LYS B 115 8.47 13.79 0.01
CA LYS B 115 9.88 14.10 0.13
C LYS B 115 10.10 15.59 0.10
N THR B 116 9.42 16.30 -0.81
CA THR B 116 9.62 17.71 -0.94
C THR B 116 9.19 18.46 0.34
N THR B 117 8.02 18.13 0.85
CA THR B 117 7.55 18.81 2.04
C THR B 117 8.46 18.50 3.25
N THR B 118 8.98 17.28 3.29
CA THR B 118 9.86 16.86 4.35
C THR B 118 11.19 17.61 4.25
N ILE B 119 11.70 17.78 3.05
CA ILE B 119 12.91 18.53 2.87
C ILE B 119 12.69 19.97 3.33
N ALA B 120 11.53 20.54 3.01
CA ALA B 120 11.26 21.92 3.37
C ALA B 120 11.29 22.01 4.91
N LYS B 121 10.61 21.06 5.56
CA LYS B 121 10.50 21.12 6.97
C LYS B 121 11.87 20.99 7.65
N LEU B 122 12.69 20.09 7.10
CA LEU B 122 13.97 19.83 7.71
C LEU B 122 14.91 21.00 7.43
N GLY B 123 14.79 21.62 6.24
CA GLY B 123 15.59 22.81 5.93
C GLY B 123 15.28 23.92 6.95
N ARG B 124 14.00 24.15 7.18
CA ARG B 124 13.56 25.15 8.15
C ARG B 124 14.14 24.80 9.56
N TYR B 125 13.98 23.54 9.89
CA TYR B 125 14.43 23.02 11.17
C TYR B 125 15.96 23.24 11.41
N TYR B 126 16.78 22.80 10.45
CA TYR B 126 18.19 22.97 10.58
C TYR B 126 18.67 24.41 10.50
N GLN B 127 18.02 25.21 9.64
CA GLN B 127 18.34 26.65 9.56
C GLN B 127 18.01 27.35 10.92
N ASN B 128 16.93 26.95 11.57
CA ASN B 128 16.57 27.53 12.84
C ASN B 128 17.58 27.11 13.97
N LEU B 129 18.28 26.01 13.76
CA LEU B 129 19.31 25.54 14.65
C LEU B 129 20.64 26.21 14.29
N GLY B 130 20.64 27.15 13.35
CA GLY B 130 21.83 27.94 13.03
C GLY B 130 22.73 27.44 11.87
N LYS B 131 22.30 26.40 11.16
CA LYS B 131 23.05 25.92 10.00
C LYS B 131 22.69 26.66 8.75
N LYS B 132 23.65 26.75 7.82
CA LYS B 132 23.35 27.31 6.48
C LYS B 132 22.94 26.12 5.64
N VAL B 133 21.74 26.15 5.10
CA VAL B 133 21.15 25.04 4.37
C VAL B 133 20.90 25.42 2.93
N MET B 134 21.10 24.47 2.03
CA MET B 134 20.88 24.66 0.60
C MET B 134 20.10 23.44 0.08
N PHE B 135 19.29 23.61 -0.97
CA PHE B 135 18.53 22.50 -1.59
C PHE B 135 19.00 22.25 -3.01
N CYS B 136 18.88 21.01 -3.44
CA CYS B 136 19.12 20.68 -4.86
C CYS B 136 17.83 20.05 -5.42
N ALA B 137 17.24 20.67 -6.41
CA ALA B 137 15.97 20.21 -6.98
C ALA B 137 16.19 19.09 -7.98
N GLY B 138 16.36 17.91 -7.47
CA GLY B 138 16.68 16.80 -8.34
C GLY B 138 15.59 15.99 -9.00
N ASP B 139 14.35 16.34 -8.78
CA ASP B 139 13.26 15.66 -9.49
C ASP B 139 13.09 16.37 -10.80
N THR B 140 14.07 16.20 -11.71
CA THR B 140 14.07 16.92 -12.99
C THR B 140 13.12 16.42 -14.09
N PHE B 141 12.58 15.22 -13.94
CA PHE B 141 11.76 14.70 -15.02
C PHE B 141 10.30 14.89 -14.71
N ARG B 142 10.00 15.95 -13.97
CA ARG B 142 8.62 16.27 -13.62
C ARG B 142 8.38 17.76 -13.55
N ALA B 143 7.18 18.19 -13.93
CA ALA B 143 6.87 19.61 -13.87
C ALA B 143 6.92 20.07 -12.42
N ALA B 144 6.24 19.33 -11.54
CA ALA B 144 6.20 19.68 -10.11
C ALA B 144 7.55 19.59 -9.50
N GLY B 145 8.42 18.77 -10.07
CA GLY B 145 9.74 18.55 -9.48
C GLY B 145 10.63 19.72 -9.71
N GLY B 146 11.13 20.31 -8.62
CA GLY B 146 11.99 21.47 -8.74
C GLY B 146 11.24 22.77 -8.51
N THR B 147 10.04 22.90 -9.10
CA THR B 147 9.22 24.12 -8.91
C THR B 147 8.69 24.32 -7.46
N GLN B 148 8.22 23.25 -6.81
CA GLN B 148 7.80 23.35 -5.43
C GLN B 148 9.04 23.62 -4.50
N LEU B 149 10.05 22.82 -4.62
CA LEU B 149 11.25 23.00 -3.83
C LEU B 149 11.85 24.42 -4.03
N SER B 150 11.83 24.88 -5.26
CA SER B 150 12.33 26.20 -5.60
C SER B 150 11.52 27.25 -4.87
N GLU B 151 10.21 27.04 -4.74
CA GLU B 151 9.34 27.96 -4.01
C GLU B 151 9.58 27.88 -2.52
N TRP B 152 9.78 26.68 -2.02
CA TRP B 152 10.10 26.49 -0.60
C TRP B 152 11.39 27.26 -0.27
N GLY B 153 12.33 27.20 -1.22
CA GLY B 153 13.59 27.91 -1.07
C GLY B 153 13.40 29.40 -0.91
N LYS B 154 12.55 30.01 -1.72
CA LYS B 154 12.32 31.44 -1.67
C LYS B 154 11.63 31.72 -0.34
N ARG B 155 10.65 30.90 0.02
CA ARG B 155 9.90 31.11 1.26
C ARG B 155 10.76 30.91 2.51
N LEU B 156 11.80 30.09 2.44
CA LEU B 156 12.59 29.83 3.62
C LEU B 156 13.96 30.52 3.59
N SER B 157 14.22 31.29 2.54
CA SER B 157 15.49 31.95 2.39
C SER B 157 16.57 30.89 2.31
N ILE B 158 16.33 29.88 1.51
CA ILE B 158 17.31 28.83 1.34
C ILE B 158 17.60 28.75 -0.13
N PRO B 159 18.87 28.83 -0.50
CA PRO B 159 19.32 28.80 -1.89
C PRO B 159 18.99 27.46 -2.49
N VAL B 160 18.49 27.45 -3.71
CA VAL B 160 18.15 26.21 -4.34
C VAL B 160 18.95 26.06 -5.66
N ILE B 161 19.55 24.90 -5.85
CA ILE B 161 20.20 24.58 -7.11
C ILE B 161 19.25 23.79 -8.01
N GLN B 162 18.97 24.29 -9.21
CA GLN B 162 18.05 23.65 -10.13
C GLN B 162 18.31 24.00 -11.60
N GLY B 163 17.62 23.30 -12.48
CA GLY B 163 17.72 23.52 -13.90
C GLY B 163 16.40 23.21 -14.60
N PRO B 164 16.34 23.40 -15.92
CA PRO B 164 15.14 23.14 -16.68
C PRO B 164 14.73 21.68 -16.60
N GLU B 165 13.47 21.43 -16.91
CA GLU B 165 12.95 20.07 -16.96
C GLU B 165 13.75 19.29 -17.98
N GLY B 166 14.21 18.12 -17.57
CA GLY B 166 15.00 17.28 -18.47
C GLY B 166 16.49 17.31 -18.13
N THR B 167 16.85 18.21 -17.24
CA THR B 167 18.24 18.37 -16.81
C THR B 167 18.76 17.08 -16.21
N ASP B 168 20.04 16.82 -16.43
CA ASP B 168 20.67 15.61 -15.96
C ASP B 168 20.84 15.72 -14.45
N PRO B 169 20.13 14.90 -13.70
CA PRO B 169 20.11 14.96 -12.25
C PRO B 169 21.52 14.78 -11.62
N ALA B 170 22.33 13.91 -12.22
CA ALA B 170 23.69 13.69 -11.77
C ALA B 170 24.56 14.95 -11.91
N ALA B 171 24.51 15.65 -13.03
CA ALA B 171 25.31 16.87 -13.27
C ALA B 171 24.81 17.94 -12.34
N LEU B 172 23.50 17.96 -12.09
CA LEU B 172 22.96 19.00 -11.21
C LEU B 172 23.43 18.78 -9.75
N ALA B 173 23.36 17.54 -9.29
CA ALA B 173 23.80 17.21 -7.97
C ALA B 173 25.30 17.58 -7.77
N TYR B 174 26.13 17.19 -8.72
CA TYR B 174 27.54 17.50 -8.69
C TYR B 174 27.71 19.01 -8.52
N ASP B 175 27.04 19.78 -9.37
CA ASP B 175 27.10 21.24 -9.26
C ASP B 175 26.54 21.79 -7.94
N ALA B 176 25.55 21.10 -7.40
CA ALA B 176 25.00 21.58 -6.14
C ALA B 176 26.02 21.32 -4.96
N VAL B 177 26.67 20.20 -4.99
CA VAL B 177 27.67 19.96 -3.96
C VAL B 177 28.83 20.97 -4.04
N GLN B 178 29.28 21.28 -5.28
CA GLN B 178 30.31 22.28 -5.48
C GLN B 178 29.83 23.66 -5.00
N ALA B 179 28.54 23.97 -5.23
CA ALA B 179 28.03 25.27 -4.78
C ALA B 179 28.06 25.31 -3.24
N MET B 180 27.63 24.22 -2.62
CA MET B 180 27.62 24.13 -1.17
C MET B 180 29.02 24.31 -0.59
N LYS B 181 29.98 23.65 -1.16
CA LYS B 181 31.38 23.73 -0.74
C LYS B 181 32.02 25.12 -1.00
N ALA B 182 31.76 25.67 -2.18
CA ALA B 182 32.29 26.97 -2.50
C ALA B 182 31.76 28.02 -1.51
N ARG B 183 30.47 27.96 -1.20
CA ARG B 183 29.83 28.97 -0.32
C ARG B 183 29.95 28.69 1.18
N GLY B 184 30.54 27.54 1.54
CA GLY B 184 30.72 27.22 2.95
C GLY B 184 29.42 26.83 3.65
N TYR B 185 28.48 26.21 2.93
CA TYR B 185 27.24 25.85 3.58
C TYR B 185 27.40 24.55 4.39
N ASP B 186 26.56 24.35 5.40
CA ASP B 186 26.69 23.23 6.29
C ASP B 186 25.89 22.02 5.82
N LEU B 187 24.75 22.22 5.17
CA LEU B 187 23.93 21.08 4.78
C LEU B 187 23.31 21.29 3.43
N LEU B 188 23.34 20.26 2.60
CA LEU B 188 22.74 20.27 1.32
C LEU B 188 21.77 19.06 1.28
N PHE B 189 20.48 19.35 1.10
CA PHE B 189 19.50 18.32 0.86
C PHE B 189 19.31 18.14 -0.61
N VAL B 190 19.54 16.93 -1.08
CA VAL B 190 19.33 16.63 -2.51
C VAL B 190 18.02 15.87 -2.73
N ASP B 191 17.04 16.50 -3.37
CA ASP B 191 15.76 15.85 -3.69
C ASP B 191 16.04 14.94 -4.90
N THR B 192 15.23 13.87 -5.07
CA THR B 192 15.40 12.95 -6.19
C THR B 192 14.09 12.56 -6.85
N ALA B 193 14.23 12.02 -8.02
CA ALA B 193 13.10 11.46 -8.75
C ALA B 193 12.50 10.35 -7.92
N GLY B 194 11.21 10.09 -8.11
CA GLY B 194 10.54 9.00 -7.39
C GLY B 194 9.52 8.22 -8.26
N ARG B 195 9.57 8.39 -9.58
CA ARG B 195 8.62 7.75 -10.47
C ARG B 195 9.04 6.34 -10.82
N LEU B 196 8.18 5.36 -10.59
CA LEU B 196 8.45 3.96 -10.98
C LEU B 196 7.85 3.59 -12.31
N HIS B 197 8.42 2.56 -12.95
CA HIS B 197 7.97 2.03 -14.25
C HIS B 197 8.09 3.00 -15.42
N THR B 198 9.11 3.85 -15.44
CA THR B 198 9.32 4.73 -16.60
C THR B 198 10.32 4.10 -17.50
N LYS B 199 10.71 4.82 -18.56
CA LYS B 199 11.69 4.37 -19.54
C LYS B 199 13.10 4.26 -18.92
N HIS B 200 13.32 4.98 -17.82
CA HIS B 200 14.58 5.01 -17.10
C HIS B 200 14.46 4.43 -15.66
N ASN B 201 15.27 3.43 -15.38
CA ASN B 201 15.25 2.81 -14.08
C ASN B 201 15.67 3.77 -12.96
N LEU B 202 14.75 4.03 -12.04
CA LEU B 202 14.96 4.88 -10.94
C LEU B 202 16.19 4.47 -10.11
N MET B 203 16.33 3.20 -9.85
CA MET B 203 17.42 2.76 -9.00
C MET B 203 18.77 3.11 -9.65
N GLU B 204 18.83 2.96 -10.96
CA GLU B 204 20.06 3.23 -11.68
C GLU B 204 20.34 4.71 -11.69
N GLU B 205 19.29 5.53 -11.77
CA GLU B 205 19.41 6.97 -11.81
C GLU B 205 19.95 7.44 -10.49
N LEU B 206 19.41 6.89 -9.41
CA LEU B 206 19.87 7.19 -8.09
C LEU B 206 21.33 6.87 -7.88
N LYS B 207 21.78 5.76 -8.43
CA LYS B 207 23.17 5.41 -8.27
C LYS B 207 24.04 6.43 -8.96
N LYS B 208 23.62 6.88 -10.14
CA LYS B 208 24.38 7.88 -10.88
C LYS B 208 24.44 9.19 -10.06
N VAL B 209 23.38 9.52 -9.33
CA VAL B 209 23.38 10.79 -8.63
C VAL B 209 24.34 10.66 -7.46
N LYS B 210 24.25 9.55 -6.75
CA LYS B 210 25.13 9.33 -5.62
C LYS B 210 26.60 9.38 -6.05
N ARG B 211 26.89 8.83 -7.22
CA ARG B 211 28.28 8.81 -7.66
C ARG B 211 28.73 10.20 -7.97
N ALA B 212 27.82 10.98 -8.54
CA ALA B 212 28.16 12.33 -8.93
C ALA B 212 28.44 13.19 -7.67
N ILE B 213 27.70 12.91 -6.60
CA ILE B 213 27.91 13.59 -5.32
C ILE B 213 29.29 13.27 -4.77
N ALA B 214 29.65 11.98 -4.81
CA ALA B 214 30.92 11.51 -4.34
C ALA B 214 32.07 11.99 -5.20
N LYS B 215 31.81 12.26 -6.47
CA LYS B 215 32.85 12.78 -7.36
C LYS B 215 33.19 14.24 -6.94
N ALA B 216 32.16 14.98 -6.50
CA ALA B 216 32.36 16.37 -6.04
C ALA B 216 33.03 16.39 -4.69
N ASP B 217 32.65 15.44 -3.84
CA ASP B 217 33.20 15.29 -2.51
C ASP B 217 33.24 13.80 -2.14
N PRO B 218 34.42 13.19 -2.21
CA PRO B 218 34.60 11.75 -1.97
C PRO B 218 34.06 11.20 -0.67
N GLU B 219 33.83 12.04 0.33
CA GLU B 219 33.24 11.50 1.58
C GLU B 219 31.70 11.60 1.64
N GLU B 220 31.06 12.15 0.63
CA GLU B 220 29.62 12.36 0.63
C GLU B 220 28.95 11.43 -0.39
N PRO B 221 27.65 11.23 -0.26
CA PRO B 221 26.83 11.79 0.83
C PRO B 221 26.93 10.92 2.09
N LYS B 222 27.06 11.52 3.25
CA LYS B 222 27.13 10.79 4.51
C LYS B 222 25.79 10.35 5.02
N GLU B 223 24.71 10.90 4.48
CA GLU B 223 23.39 10.46 4.88
C GLU B 223 22.55 10.18 3.63
N VAL B 224 21.87 9.03 3.63
CA VAL B 224 20.93 8.72 2.60
C VAL B 224 19.68 8.38 3.34
N TRP B 225 18.70 9.28 3.32
CA TRP B 225 17.47 9.08 4.09
C TRP B 225 16.27 8.77 3.17
N LEU B 226 15.59 7.66 3.46
CA LEU B 226 14.41 7.20 2.76
C LEU B 226 13.19 7.72 3.51
N VAL B 227 12.25 8.33 2.81
CA VAL B 227 11.01 8.83 3.40
C VAL B 227 9.98 7.77 3.10
N LEU B 228 9.31 7.31 4.15
CA LEU B 228 8.24 6.33 4.02
C LEU B 228 6.97 6.82 4.72
N ASP B 229 5.80 6.45 4.16
CA ASP B 229 4.55 6.81 4.77
C ASP B 229 4.17 5.70 5.74
N ALA B 230 3.56 6.03 6.87
CA ALA B 230 3.22 4.97 7.83
C ALA B 230 1.96 4.23 7.36
N VAL B 231 1.28 4.75 6.33
CA VAL B 231 0.04 4.10 5.86
C VAL B 231 0.30 3.01 4.82
N THR B 232 1.54 2.88 4.37
CA THR B 232 1.86 1.87 3.36
C THR B 232 2.04 0.45 3.99
N GLY B 233 2.10 -0.56 3.11
CA GLY B 233 2.38 -1.94 3.53
C GLY B 233 3.46 -2.76 2.78
N GLN B 234 3.26 -4.07 2.73
CA GLN B 234 4.18 -5.00 2.07
C GLN B 234 4.78 -4.46 0.75
N ASN B 235 3.95 -3.80 -0.06
CA ASN B 235 4.45 -3.22 -1.31
C ASN B 235 5.56 -2.18 -1.02
N GLY B 236 5.34 -1.44 0.07
CA GLY B 236 6.24 -0.42 0.55
C GLY B 236 7.59 -0.92 1.08
N LEU B 237 7.56 -1.90 1.97
CA LEU B 237 8.79 -2.43 2.50
C LEU B 237 9.66 -3.04 1.41
N GLU B 238 9.03 -3.71 0.46
CA GLU B 238 9.72 -4.28 -0.67
C GLU B 238 10.41 -3.15 -1.45
N GLN B 239 9.70 -2.06 -1.66
CA GLN B 239 10.24 -0.96 -2.44
C GLN B 239 11.40 -0.35 -1.71
N ALA B 240 11.21 -0.25 -0.40
CA ALA B 240 12.23 0.29 0.48
C ALA B 240 13.51 -0.52 0.41
N LYS B 241 13.38 -1.84 0.33
CA LYS B 241 14.54 -2.68 0.24
C LYS B 241 15.32 -2.38 -1.05
N LYS B 242 14.62 -2.13 -2.13
CA LYS B 242 15.29 -1.83 -3.39
C LYS B 242 16.12 -0.52 -3.26
N PHE B 243 15.56 0.52 -2.65
CA PHE B 243 16.29 1.77 -2.47
C PHE B 243 17.56 1.42 -1.66
N HIS B 244 17.40 0.68 -0.56
CA HIS B 244 18.57 0.37 0.28
C HIS B 244 19.69 -0.38 -0.47
N GLU B 245 19.29 -1.36 -1.26
CA GLU B 245 20.23 -2.13 -2.06
C GLU B 245 20.96 -1.23 -3.08
N ALA B 246 20.22 -0.30 -3.68
CA ALA B 246 20.79 0.57 -4.70
C ALA B 246 21.76 1.64 -4.20
N VAL B 247 21.38 2.38 -3.13
CA VAL B 247 22.19 3.49 -2.63
C VAL B 247 22.59 3.45 -1.15
N GLY B 248 22.18 2.43 -0.45
CA GLY B 248 22.58 2.29 0.95
C GLY B 248 22.02 3.34 1.91
N LEU B 249 20.85 3.07 2.44
CA LEU B 249 20.25 4.01 3.36
C LEU B 249 21.09 4.15 4.63
N THR B 250 21.01 5.32 5.27
CA THR B 250 21.61 5.44 6.58
C THR B 250 20.50 5.76 7.58
N GLY B 251 19.30 5.98 7.07
CA GLY B 251 18.23 6.40 7.95
C GLY B 251 16.89 6.43 7.27
N VAL B 252 15.84 6.39 8.09
CA VAL B 252 14.49 6.43 7.57
C VAL B 252 13.66 7.52 8.26
N ILE B 253 12.82 8.19 7.48
CA ILE B 253 11.87 9.13 8.05
C ILE B 253 10.49 8.59 7.75
N VAL B 254 9.67 8.44 8.80
CA VAL B 254 8.34 7.92 8.66
C VAL B 254 7.33 8.99 8.90
N THR B 255 6.56 9.29 7.87
CA THR B 255 5.54 10.33 7.97
C THR B 255 4.14 9.85 8.25
N LYS B 256 3.31 10.81 8.64
CA LYS B 256 1.87 10.61 8.86
C LYS B 256 1.48 9.47 9.80
N LEU B 257 2.08 9.45 10.97
CA LEU B 257 1.76 8.44 11.95
C LEU B 257 0.40 8.69 12.58
N ASP B 258 0.02 9.97 12.75
CA ASP B 258 -1.23 10.29 13.46
C ASP B 258 -2.50 9.88 12.73
N GLY B 259 -2.43 9.73 11.41
CA GLY B 259 -3.62 9.33 10.70
C GLY B 259 -3.81 7.82 10.48
N THR B 260 -3.00 6.98 11.14
CA THR B 260 -3.11 5.51 11.05
C THR B 260 -3.11 4.86 12.41
N ALA B 261 -3.65 3.65 12.50
CA ALA B 261 -3.61 2.93 13.77
C ALA B 261 -2.51 1.85 13.65
N LYS B 262 -1.62 2.03 12.69
CA LYS B 262 -0.57 1.06 12.44
C LYS B 262 0.83 1.58 12.79
N GLY B 263 0.92 2.33 13.89
CA GLY B 263 2.18 2.88 14.33
C GLY B 263 3.26 1.89 14.79
N GLY B 264 2.88 0.65 14.99
CA GLY B 264 3.80 -0.38 15.32
C GLY B 264 4.65 -0.77 14.11
N VAL B 265 4.35 -0.24 12.93
CA VAL B 265 5.04 -0.63 11.72
C VAL B 265 6.52 -0.25 11.72
N LEU B 266 6.90 0.69 12.59
CA LEU B 266 8.29 1.06 12.71
C LEU B 266 9.17 -0.13 13.05
N ILE B 267 8.63 -1.07 13.79
CA ILE B 267 9.38 -2.29 14.10
C ILE B 267 9.76 -3.10 12.88
N PRO B 268 8.79 -3.50 12.08
CA PRO B 268 9.09 -4.28 10.86
C PRO B 268 10.00 -3.43 9.94
N ILE B 269 9.85 -2.14 9.96
CA ILE B 269 10.72 -1.30 9.11
C ILE B 269 12.19 -1.43 9.52
N VAL B 270 12.44 -1.20 10.79
CA VAL B 270 13.79 -1.29 11.28
C VAL B 270 14.34 -2.75 11.20
N ARG B 271 13.52 -3.78 11.46
CA ARG B 271 14.02 -5.14 11.39
C ARG B 271 14.32 -5.53 9.96
N THR B 272 13.57 -4.99 9.01
CA THR B 272 13.73 -5.32 7.60
C THR B 272 14.92 -4.64 7.00
N LEU B 273 15.00 -3.31 7.14
CA LEU B 273 16.06 -2.52 6.51
C LEU B 273 17.34 -2.47 7.35
N LYS B 274 17.20 -2.61 8.66
CA LYS B 274 18.35 -2.57 9.54
C LYS B 274 19.06 -1.21 9.52
N VAL B 275 18.28 -0.14 9.48
CA VAL B 275 18.79 1.20 9.55
C VAL B 275 17.90 1.92 10.57
N PRO B 276 18.43 2.96 11.21
CA PRO B 276 17.67 3.72 12.19
C PRO B 276 16.60 4.63 11.62
N ILE B 277 15.53 4.81 12.39
CA ILE B 277 14.51 5.76 12.03
C ILE B 277 15.11 7.07 12.56
N LYS B 278 15.10 8.11 11.73
CA LYS B 278 15.68 9.41 12.11
C LYS B 278 14.63 10.42 12.64
N PHE B 279 13.51 10.57 11.92
CA PHE B 279 12.45 11.46 12.35
C PHE B 279 11.16 10.72 12.15
N VAL B 280 10.16 11.08 12.92
CA VAL B 280 8.82 10.50 12.78
C VAL B 280 7.84 11.66 12.69
N GLY B 281 6.89 11.58 11.77
CA GLY B 281 5.89 12.63 11.56
C GLY B 281 4.70 12.35 12.44
N VAL B 282 4.62 13.05 13.58
CA VAL B 282 3.60 12.84 14.57
C VAL B 282 2.41 13.71 14.26
N GLY B 283 2.53 14.54 13.24
CA GLY B 283 1.45 15.40 12.81
C GLY B 283 1.86 15.99 11.48
N GLU B 284 1.03 16.89 10.95
CA GLU B 284 1.29 17.53 9.69
C GLU B 284 1.80 18.97 9.87
N GLY B 285 2.01 19.42 11.10
CA GLY B 285 2.58 20.75 11.27
C GLY B 285 4.09 20.86 10.99
N PRO B 286 4.54 22.09 10.83
CA PRO B 286 5.94 22.37 10.51
C PRO B 286 6.90 21.78 11.54
N ASP B 287 6.49 21.69 12.81
CA ASP B 287 7.38 21.15 13.82
C ASP B 287 6.97 19.75 14.25
N ASP B 288 6.09 19.11 13.47
CA ASP B 288 5.65 17.76 13.77
C ASP B 288 6.58 16.65 13.30
N LEU B 289 7.68 17.02 12.62
CA LEU B 289 8.70 16.03 12.26
C LEU B 289 9.69 15.98 13.43
N GLN B 290 9.48 15.09 14.37
CA GLN B 290 10.38 15.02 15.51
C GLN B 290 11.47 13.99 15.42
N PRO B 291 12.60 14.31 16.04
CA PRO B 291 13.73 13.37 16.07
C PRO B 291 13.26 12.11 16.72
N PHE B 292 13.66 10.96 16.18
CA PHE B 292 13.16 9.71 16.71
C PHE B 292 13.84 9.26 17.99
N ASP B 293 13.02 8.88 18.97
CA ASP B 293 13.56 8.41 20.23
C ASP B 293 12.87 7.09 20.62
N PRO B 294 13.56 5.98 20.42
CA PRO B 294 13.03 4.64 20.72
C PRO B 294 12.27 4.53 22.03
N GLU B 295 12.96 4.88 23.12
CA GLU B 295 12.36 4.81 24.41
C GLU B 295 11.07 5.62 24.57
N ALA B 296 11.09 6.88 24.14
CA ALA B 296 9.92 7.75 24.21
C ALA B 296 8.77 7.20 23.31
N PHE B 297 9.11 6.65 22.16
CA PHE B 297 8.09 6.12 21.25
C PHE B 297 7.40 4.95 21.91
N VAL B 298 8.19 4.03 22.44
CA VAL B 298 7.60 2.86 23.09
C VAL B 298 6.85 3.25 24.34
N GLU B 299 7.35 4.29 24.99
CA GLU B 299 6.71 4.73 26.25
C GLU B 299 5.32 5.24 25.92
N ALA B 300 5.23 6.04 24.86
CA ALA B 300 3.97 6.63 24.43
C ALA B 300 3.01 5.56 23.94
N LEU B 301 3.56 4.62 23.20
CA LEU B 301 2.81 3.52 22.66
C LEU B 301 2.12 2.73 23.74
N LEU B 302 2.80 2.52 24.88
CA LEU B 302 2.26 1.70 25.97
C LEU B 302 1.79 2.52 27.15
N GLU B 303 1.74 3.83 26.99
CA GLU B 303 1.36 4.76 28.05
C GLU B 303 -0.04 4.51 28.55
N ASP B 304 -0.31 4.95 29.79
CA ASP B 304 -1.62 4.80 30.42
C ASP B 304 -2.00 3.34 30.57
S SO4 C . -0.92 -1.50 -14.96
O1 SO4 C . -1.48 -1.77 -16.26
O2 SO4 C . -2.03 -1.53 -14.01
O3 SO4 C . 0.00 -2.53 -14.57
O4 SO4 C . -0.28 -0.22 -15.01
S SO4 D . -9.11 -2.13 10.52
O1 SO4 D . -9.52 -3.30 9.72
O2 SO4 D . -9.68 -2.30 11.86
O3 SO4 D . -9.84 -0.98 9.92
O4 SO4 D . -7.60 -2.03 10.43
S SO4 E . 4.37 14.96 -15.03
O1 SO4 E . 5.01 16.28 -14.95
O2 SO4 E . 4.36 14.42 -13.73
O3 SO4 E . 3.02 15.05 -15.59
O4 SO4 E . 5.06 14.17 -15.99
S SO4 F . 3.64 8.80 -10.03
O1 SO4 F . 2.52 9.55 -10.55
O2 SO4 F . 3.48 8.33 -8.72
O3 SO4 F . 3.88 7.55 -10.80
O4 SO4 F . 4.80 9.69 -10.12
S SO4 G . -0.21 -0.94 -33.95
O1 SO4 G . -0.17 -1.58 -32.60
O2 SO4 G . -1.50 -0.29 -34.18
O3 SO4 G . 0.02 -1.96 -34.99
O4 SO4 G . 0.81 0.11 -33.91
C1 EDO H . -2.84 1.11 6.44
O1 EDO H . -1.89 0.32 5.75
C2 EDO H . -4.06 1.30 5.55
O2 EDO H . -4.50 2.66 5.64
C1 EDO I . 4.50 -10.58 8.15
O1 EDO I . 5.52 -10.73 9.18
C2 EDO I . 3.40 -9.69 8.61
O2 EDO I . 2.56 -10.48 9.46
C1 EDO J . -22.15 0.50 -3.63
O1 EDO J . -22.19 1.66 -4.42
C2 EDO J . -21.89 0.83 -2.16
O2 EDO J . -20.62 1.43 -1.96
C1 EDO K . -19.75 9.46 -8.95
O1 EDO K . -19.88 8.12 -8.55
C2 EDO K . -20.63 9.63 -10.16
O2 EDO K . -19.94 9.23 -11.35
C1 EDO L . -23.16 6.05 -15.18
O1 EDO L . -22.71 4.71 -15.34
C2 EDO L . -23.09 6.85 -16.48
O2 EDO L . -22.34 8.04 -16.25
C1 EDO M . -18.71 10.89 -13.81
O1 EDO M . -17.82 10.55 -12.77
C2 EDO M . -18.31 12.27 -14.20
O2 EDO M . -18.56 13.18 -13.14
S SO4 N . 7.01 13.88 -3.20
O1 SO4 N . 6.63 13.60 -4.58
O2 SO4 N . 7.82 15.06 -3.23
O3 SO4 N . 5.84 14.14 -2.42
O4 SO4 N . 7.63 12.71 -2.60
S SO4 O . 24.98 35.23 8.53
O1 SO4 O . 24.18 35.90 9.55
O2 SO4 O . 25.89 34.34 9.18
O3 SO4 O . 24.03 34.63 7.58
O4 SO4 O . 25.76 36.19 7.71
S SO4 P . 25.90 33.21 0.98
O1 SO4 P . 27.04 32.31 0.70
O2 SO4 P . 25.77 33.42 2.43
O3 SO4 P . 24.61 32.60 0.51
O4 SO4 P . 26.12 34.51 0.27
S SO4 Q . 21.03 32.47 -3.80
O1 SO4 Q . 22.11 33.37 -3.36
O2 SO4 Q . 20.28 31.97 -2.64
O3 SO4 Q . 21.48 31.41 -4.69
O4 SO4 Q . 20.11 33.27 -4.65
C1 EDO R . 15.42 36.13 1.32
O1 EDO R . 16.77 35.76 1.13
C2 EDO R . 14.94 37.07 0.24
O2 EDO R . 13.91 37.92 0.73
C1 EDO S . 23.07 6.67 11.07
O1 EDO S . 22.76 5.43 10.44
C2 EDO S . 23.17 7.85 10.11
O2 EDO S . 24.45 8.40 10.23
C1 EDO T . 26.25 6.77 2.73
O1 EDO T . 26.85 7.06 1.49
C2 EDO T . 25.89 5.27 2.86
O2 EDO T . 25.27 4.90 1.66
#